data_2ESR
#
_entry.id   2ESR
#
_cell.length_a   67.170
_cell.length_b   73.586
_cell.length_c   76.916
_cell.angle_alpha   90.00
_cell.angle_beta   90.00
_cell.angle_gamma   90.00
#
_symmetry.space_group_name_H-M   'P 21 21 21'
#
loop_
_entity.id
_entity.type
_entity.pdbx_description
1 polymer Methyltransferase
2 non-polymer alpha-D-glucopyranose
3 water water
#
_entity_poly.entity_id   1
_entity_poly.type   'polypeptide(L)'
_entity_poly.pdbx_seq_one_letter_code
;(MSE)SLKTLDGKITRPTSDKVRGAIFN(MSE)IGPYFNGGRVLDLFAGSGGLAIEAVSRG(MSE)SAAVLVEKNRKAQA
IIQDNII(MSE)TKAENRFTLLK(MSE)EAERAIDCLTGRFDLVFLDPPYAKETIVATIEALAAKNLLSEQV(MSE)VVC
ETDKTVLLPKEIATLGIWKEKIYGISKVTVYVNEGHHHHHH
;
_entity_poly.pdbx_strand_id   A,B
#
# COMPACT_ATOMS: atom_id res chain seq x y z
N VAL A 18 -23.85 -11.97 2.15
CA VAL A 18 -24.02 -10.55 2.56
C VAL A 18 -23.32 -9.61 1.58
N ARG A 19 -22.16 -10.03 1.08
CA ARG A 19 -21.40 -9.22 0.14
C ARG A 19 -22.17 -8.96 -1.16
N GLY A 20 -22.93 -9.96 -1.61
CA GLY A 20 -23.70 -9.79 -2.83
C GLY A 20 -24.63 -8.59 -2.71
N ALA A 21 -25.30 -8.48 -1.57
CA ALA A 21 -26.23 -7.40 -1.32
C ALA A 21 -25.49 -6.06 -1.29
N ILE A 22 -24.41 -6.00 -0.52
CA ILE A 22 -23.63 -4.79 -0.41
C ILE A 22 -23.17 -4.30 -1.78
N PHE A 23 -22.57 -5.20 -2.55
CA PHE A 23 -22.07 -4.79 -3.85
C PHE A 23 -23.12 -4.47 -4.88
N ASN A 24 -24.35 -4.93 -4.66
CA ASN A 24 -25.43 -4.60 -5.58
C ASN A 24 -25.85 -3.17 -5.29
N ILE A 26 -23.55 -0.69 -4.27
CA ILE A 26 -22.50 0.20 -4.74
C ILE A 26 -21.82 -0.17 -6.05
N GLY A 27 -22.04 -1.40 -6.52
CA GLY A 27 -21.42 -1.81 -7.76
C GLY A 27 -22.40 -2.03 -8.89
N PRO A 28 -22.59 -3.27 -9.36
CA PRO A 28 -21.94 -4.52 -8.94
C PRO A 28 -20.55 -4.75 -9.52
N TYR A 29 -20.12 -3.86 -10.40
CA TYR A 29 -18.79 -3.94 -11.00
C TYR A 29 -18.15 -2.56 -10.91
N PHE A 30 -16.83 -2.51 -11.01
CA PHE A 30 -16.11 -1.24 -10.95
C PHE A 30 -15.10 -1.21 -12.09
N ASN A 31 -14.75 -0.02 -12.55
CA ASN A 31 -13.76 0.10 -13.62
C ASN A 31 -12.44 0.69 -13.11
N GLY A 32 -11.91 0.08 -12.07
CA GLY A 32 -10.65 0.54 -11.50
C GLY A 32 -10.81 1.53 -10.37
N GLY A 33 -9.72 1.77 -9.63
CA GLY A 33 -9.76 2.71 -8.52
C GLY A 33 -9.07 2.14 -7.29
N ARG A 34 -8.89 2.99 -6.27
CA ARG A 34 -8.23 2.56 -5.03
C ARG A 34 -9.21 2.38 -3.88
N VAL A 35 -9.09 1.25 -3.20
CA VAL A 35 -9.95 0.93 -2.07
C VAL A 35 -9.18 1.09 -0.76
N LEU A 36 -9.85 1.60 0.26
CA LEU A 36 -9.26 1.72 1.59
C LEU A 36 -10.19 0.95 2.53
N ASP A 37 -9.66 -0.05 3.21
CA ASP A 37 -10.45 -0.85 4.13
C ASP A 37 -9.86 -0.68 5.51
N LEU A 38 -10.46 0.21 6.29
CA LEU A 38 -10.01 0.49 7.65
C LEU A 38 -10.74 -0.49 8.57
N PHE A 39 -10.06 -0.93 9.62
CA PHE A 39 -10.64 -1.90 10.55
C PHE A 39 -11.05 -3.06 9.65
N ALA A 40 -10.13 -3.46 8.78
CA ALA A 40 -10.35 -4.51 7.77
C ALA A 40 -10.88 -5.88 8.18
N GLY A 41 -10.60 -6.31 9.40
CA GLY A 41 -11.08 -7.62 9.83
C GLY A 41 -10.46 -8.74 9.01
N SER A 42 -11.29 -9.48 8.28
CA SER A 42 -10.79 -10.57 7.44
C SER A 42 -10.51 -10.04 6.03
N GLY A 43 -10.77 -8.76 5.81
CA GLY A 43 -10.53 -8.13 4.53
C GLY A 43 -11.50 -8.52 3.42
N GLY A 44 -12.56 -9.24 3.78
CA GLY A 44 -13.53 -9.69 2.80
C GLY A 44 -14.08 -8.65 1.85
N LEU A 45 -14.41 -7.46 2.35
CA LEU A 45 -14.96 -6.42 1.48
C LEU A 45 -13.95 -5.89 0.48
N ALA A 46 -12.73 -5.64 0.93
CA ALA A 46 -11.69 -5.13 0.03
C ALA A 46 -11.38 -6.13 -1.07
N ILE A 47 -11.28 -7.40 -0.70
CA ILE A 47 -10.98 -8.45 -1.65
C ILE A 47 -12.09 -8.59 -2.70
N GLU A 48 -13.34 -8.57 -2.26
CA GLU A 48 -14.45 -8.70 -3.19
C GLU A 48 -14.50 -7.48 -4.10
N ALA A 49 -14.21 -6.29 -3.57
CA ALA A 49 -14.24 -5.08 -4.37
C ALA A 49 -13.21 -5.14 -5.49
N VAL A 50 -12.03 -5.67 -5.18
CA VAL A 50 -11.00 -5.78 -6.20
C VAL A 50 -11.43 -6.84 -7.22
N SER A 51 -12.04 -7.91 -6.73
CA SER A 51 -12.52 -8.97 -7.61
C SER A 51 -13.54 -8.43 -8.59
N ARG A 52 -14.30 -7.43 -8.15
CA ARG A 52 -15.33 -6.82 -8.98
C ARG A 52 -14.87 -5.67 -9.86
N GLY A 53 -13.58 -5.34 -9.83
CA GLY A 53 -13.10 -4.28 -10.68
C GLY A 53 -12.20 -3.21 -10.11
N SER A 55 -8.95 -1.56 -8.66
CA SER A 55 -7.57 -1.85 -9.01
C SER A 55 -6.66 -2.35 -7.89
N ALA A 56 -6.72 -1.68 -6.75
CA ALA A 56 -5.88 -2.06 -5.63
C ALA A 56 -6.57 -1.72 -4.34
N ALA A 57 -6.03 -2.22 -3.23
CA ALA A 57 -6.62 -1.96 -1.93
C ALA A 57 -5.59 -1.85 -0.84
N VAL A 58 -5.84 -0.93 0.10
CA VAL A 58 -4.96 -0.78 1.23
C VAL A 58 -5.86 -1.22 2.38
N LEU A 59 -5.38 -2.19 3.16
CA LEU A 59 -6.15 -2.69 4.29
C LEU A 59 -5.40 -2.36 5.57
N VAL A 60 -6.13 -1.89 6.58
CA VAL A 60 -5.52 -1.58 7.86
C VAL A 60 -6.22 -2.39 8.92
N GLU A 61 -5.46 -3.20 9.65
CA GLU A 61 -6.02 -4.04 10.70
C GLU A 61 -4.95 -4.26 11.75
N LYS A 62 -5.27 -3.90 12.99
CA LYS A 62 -4.33 -4.02 14.10
C LYS A 62 -4.23 -5.40 14.76
N ASN A 63 -5.32 -6.17 14.74
CA ASN A 63 -5.34 -7.49 15.35
C ASN A 63 -4.46 -8.48 14.60
N ARG A 64 -3.64 -9.21 15.36
CA ARG A 64 -2.73 -10.19 14.76
C ARG A 64 -3.41 -11.37 14.09
N LYS A 65 -4.48 -11.88 14.70
CA LYS A 65 -5.20 -13.01 14.13
C LYS A 65 -5.91 -12.61 12.83
N ALA A 66 -6.47 -11.40 12.82
CA ALA A 66 -7.16 -10.91 11.63
C ALA A 66 -6.13 -10.78 10.51
N GLN A 67 -4.96 -10.25 10.84
CA GLN A 67 -3.90 -10.08 9.85
C GLN A 67 -3.55 -11.41 9.18
N ALA A 68 -3.47 -12.47 9.97
CA ALA A 68 -3.15 -13.77 9.44
C ALA A 68 -4.22 -14.21 8.44
N ILE A 69 -5.48 -14.01 8.81
CA ILE A 69 -6.59 -14.38 7.94
C ILE A 69 -6.54 -13.57 6.65
N ILE A 70 -6.33 -12.28 6.76
CA ILE A 70 -6.27 -11.41 5.59
C ILE A 70 -5.18 -11.88 4.63
N GLN A 71 -3.99 -12.10 5.16
CA GLN A 71 -2.87 -12.53 4.34
C GLN A 71 -3.18 -13.81 3.58
N ASP A 72 -3.87 -14.74 4.23
CA ASP A 72 -4.23 -16.00 3.58
C ASP A 72 -5.26 -15.76 2.49
N ASN A 73 -6.29 -14.98 2.79
CA ASN A 73 -7.34 -14.67 1.81
C ASN A 73 -6.76 -13.97 0.59
N ILE A 74 -5.77 -13.11 0.80
CA ILE A 74 -5.13 -12.37 -0.28
C ILE A 74 -4.43 -13.32 -1.25
N ILE A 75 -3.90 -14.41 -0.73
CA ILE A 75 -3.21 -15.39 -1.56
C ILE A 75 -4.20 -16.12 -2.46
N THR A 77 -6.61 -15.08 -3.94
CA THR A 77 -7.07 -14.24 -5.04
C THR A 77 -6.12 -14.35 -6.23
N LYS A 78 -4.98 -14.99 -6.00
CA LYS A 78 -3.98 -15.15 -7.06
C LYS A 78 -3.57 -13.80 -7.63
N ALA A 79 -3.92 -12.74 -6.91
CA ALA A 79 -3.59 -11.37 -7.32
C ALA A 79 -3.21 -10.58 -6.08
N GLU A 80 -2.41 -11.22 -5.23
CA GLU A 80 -1.96 -10.62 -3.97
C GLU A 80 -1.18 -9.31 -4.14
N ASN A 81 -0.63 -9.10 -5.33
CA ASN A 81 0.15 -7.89 -5.57
C ASN A 81 -0.69 -6.62 -5.60
N ARG A 82 -2.02 -6.78 -5.56
CA ARG A 82 -2.93 -5.65 -5.60
C ARG A 82 -3.32 -5.18 -4.19
N PHE A 83 -2.81 -5.85 -3.17
CA PHE A 83 -3.14 -5.50 -1.80
C PHE A 83 -1.97 -5.07 -0.94
N THR A 84 -2.22 -4.08 -0.09
CA THR A 84 -1.21 -3.57 0.83
C THR A 84 -1.85 -3.63 2.21
N LEU A 85 -1.30 -4.46 3.10
CA LEU A 85 -1.83 -4.58 4.45
C LEU A 85 -0.93 -3.85 5.44
N LEU A 86 -1.55 -2.98 6.24
CA LEU A 86 -0.83 -2.22 7.23
C LEU A 86 -1.30 -2.65 8.61
N LYS A 87 -0.35 -3.00 9.47
CA LYS A 87 -0.66 -3.42 10.82
C LYS A 87 -0.46 -2.19 11.70
N GLU A 89 -2.85 1.32 13.90
CA GLU A 89 -4.11 1.93 14.31
C GLU A 89 -4.66 2.74 13.13
N ALA A 90 -5.97 2.72 12.96
CA ALA A 90 -6.60 3.46 11.86
C ALA A 90 -6.21 4.93 11.88
N GLU A 91 -6.18 5.51 13.06
CA GLU A 91 -5.81 6.92 13.24
C GLU A 91 -4.40 7.19 12.74
N ARG A 92 -3.47 6.32 13.11
CA ARG A 92 -2.08 6.46 12.68
C ARG A 92 -2.00 6.28 11.17
N ALA A 93 -2.71 5.27 10.67
CA ALA A 93 -2.74 4.98 9.25
C ALA A 93 -3.16 6.19 8.42
N ILE A 94 -4.27 6.81 8.80
CA ILE A 94 -4.77 7.96 8.07
C ILE A 94 -3.72 9.07 7.91
N ASP A 95 -2.85 9.22 8.91
CA ASP A 95 -1.81 10.25 8.84
C ASP A 95 -0.66 9.88 7.90
N CYS A 96 -0.59 8.61 7.51
CA CYS A 96 0.48 8.15 6.64
C CYS A 96 0.04 7.91 5.20
N LEU A 97 -1.27 7.86 4.98
CA LEU A 97 -1.82 7.63 3.64
C LEU A 97 -1.66 8.88 2.77
N THR A 98 -1.58 8.70 1.45
CA THR A 98 -1.40 9.86 0.58
C THR A 98 -2.29 9.97 -0.65
N GLY A 99 -2.65 8.83 -1.24
CA GLY A 99 -3.46 8.87 -2.43
C GLY A 99 -4.95 9.04 -2.19
N ARG A 100 -5.66 9.52 -3.21
CA ARG A 100 -7.10 9.70 -3.11
C ARG A 100 -7.71 8.30 -3.21
N PHE A 101 -8.69 8.01 -2.38
CA PHE A 101 -9.34 6.72 -2.39
C PHE A 101 -10.74 6.85 -2.95
N ASP A 102 -11.12 5.89 -3.80
CA ASP A 102 -12.42 5.90 -4.45
C ASP A 102 -13.50 5.15 -3.70
N LEU A 103 -13.09 4.18 -2.90
CA LEU A 103 -14.02 3.37 -2.13
C LEU A 103 -13.41 3.08 -0.77
N VAL A 104 -14.14 3.42 0.28
CA VAL A 104 -13.66 3.22 1.63
C VAL A 104 -14.64 2.36 2.40
N PHE A 105 -14.14 1.33 3.07
CA PHE A 105 -14.98 0.46 3.87
C PHE A 105 -14.68 0.72 5.34
N LEU A 106 -15.73 0.95 6.12
CA LEU A 106 -15.57 1.23 7.55
C LEU A 106 -16.52 0.37 8.39
N ASP A 107 -15.95 -0.45 9.25
CA ASP A 107 -16.72 -1.30 10.16
C ASP A 107 -15.88 -1.36 11.41
N PRO A 108 -15.88 -0.28 12.20
CA PRO A 108 -15.09 -0.21 13.43
C PRO A 108 -15.82 -0.45 14.73
N PRO A 109 -15.06 -0.54 15.83
CA PRO A 109 -15.61 -0.75 17.17
C PRO A 109 -16.14 0.65 17.51
N TYR A 110 -17.06 0.74 18.47
CA TYR A 110 -17.66 2.03 18.82
C TYR A 110 -18.08 2.66 17.48
N ALA A 111 -18.81 1.86 16.70
CA ALA A 111 -19.27 2.23 15.36
C ALA A 111 -19.63 3.68 15.11
N LYS A 112 -20.75 4.15 15.68
CA LYS A 112 -21.18 5.53 15.46
C LYS A 112 -20.06 6.55 15.74
N GLU A 113 -19.44 6.45 16.91
CA GLU A 113 -18.38 7.38 17.30
C GLU A 113 -17.19 7.34 16.34
N THR A 114 -16.71 6.14 16.06
CA THR A 114 -15.55 5.98 15.19
C THR A 114 -15.81 6.30 13.73
N ILE A 115 -17.01 5.98 13.25
CA ILE A 115 -17.32 6.28 11.86
C ILE A 115 -17.26 7.79 11.64
N VAL A 116 -17.87 8.55 12.54
CA VAL A 116 -17.86 10.01 12.40
C VAL A 116 -16.43 10.56 12.48
N ALA A 117 -15.69 10.15 13.50
CA ALA A 117 -14.33 10.63 13.66
C ALA A 117 -13.45 10.26 12.47
N THR A 118 -13.61 9.04 11.97
CA THR A 118 -12.79 8.59 10.85
C THR A 118 -13.09 9.32 9.55
N ILE A 119 -14.37 9.53 9.25
CA ILE A 119 -14.73 10.25 8.02
C ILE A 119 -14.26 11.70 8.13
N GLU A 120 -14.39 12.29 9.30
CA GLU A 120 -13.91 13.66 9.50
C GLU A 120 -12.40 13.72 9.25
N ALA A 121 -11.68 12.71 9.76
CA ALA A 121 -10.23 12.67 9.59
C ALA A 121 -9.84 12.48 8.14
N LEU A 122 -10.53 11.56 7.46
CA LEU A 122 -10.24 11.30 6.05
C LEU A 122 -10.49 12.55 5.20
N ALA A 123 -11.56 13.26 5.51
CA ALA A 123 -11.92 14.47 4.78
C ALA A 123 -10.89 15.57 5.02
N ALA A 124 -10.45 15.72 6.27
CA ALA A 124 -9.48 16.75 6.62
C ALA A 124 -8.13 16.52 5.97
N LYS A 125 -7.80 15.26 5.71
CA LYS A 125 -6.53 14.90 5.10
C LYS A 125 -6.63 14.78 3.58
N ASN A 126 -7.76 15.21 3.04
CA ASN A 126 -8.03 15.16 1.60
C ASN A 126 -7.68 13.82 0.98
N LEU A 127 -8.12 12.75 1.64
CA LEU A 127 -7.84 11.40 1.18
C LEU A 127 -8.99 10.77 0.41
N LEU A 128 -10.07 11.53 0.20
CA LEU A 128 -11.24 11.01 -0.50
C LEU A 128 -11.40 11.58 -1.91
N SER A 129 -11.61 10.71 -2.88
CA SER A 129 -11.79 11.18 -4.25
C SER A 129 -13.10 11.95 -4.32
N GLU A 130 -13.27 12.74 -5.37
CA GLU A 130 -14.49 13.51 -5.57
C GLU A 130 -15.69 12.58 -5.56
N GLN A 131 -15.57 11.46 -6.28
CA GLN A 131 -16.64 10.49 -6.41
C GLN A 131 -16.56 9.32 -5.43
N VAL A 132 -15.95 9.57 -4.28
CA VAL A 132 -15.81 8.53 -3.28
C VAL A 132 -17.12 7.97 -2.72
N VAL A 134 -18.10 6.01 0.75
CA VAL A 134 -17.65 5.54 2.06
C VAL A 134 -18.77 4.62 2.55
N VAL A 135 -18.47 3.33 2.55
CA VAL A 135 -19.42 2.30 2.92
C VAL A 135 -19.24 1.84 4.36
N CYS A 136 -20.29 2.03 5.15
CA CYS A 136 -20.27 1.67 6.55
C CYS A 136 -21.19 0.50 6.85
N GLU A 137 -20.65 -0.55 7.46
CA GLU A 137 -21.48 -1.69 7.83
C GLU A 137 -21.51 -1.67 9.35
N THR A 138 -22.71 -1.68 9.92
CA THR A 138 -22.89 -1.62 11.37
C THR A 138 -24.07 -2.47 11.80
N ASP A 139 -24.34 -2.51 13.10
CA ASP A 139 -25.50 -3.24 13.59
C ASP A 139 -26.70 -2.45 13.08
N LYS A 140 -27.84 -3.12 12.94
CA LYS A 140 -29.04 -2.47 12.42
C LYS A 140 -29.51 -1.30 13.28
N THR A 141 -29.29 -1.40 14.58
CA THR A 141 -29.73 -0.36 15.51
C THR A 141 -28.87 0.91 15.53
N VAL A 142 -27.64 0.82 15.04
CA VAL A 142 -26.76 1.98 15.02
C VAL A 142 -27.33 3.09 14.14
N LEU A 143 -27.49 4.27 14.69
CA LEU A 143 -28.01 5.40 13.94
C LEU A 143 -26.86 6.33 13.58
N LEU A 144 -26.67 6.57 12.29
CA LEU A 144 -25.61 7.44 11.83
C LEU A 144 -26.19 8.77 11.36
N PRO A 145 -25.41 9.86 11.48
CA PRO A 145 -25.87 11.18 11.07
C PRO A 145 -26.00 11.33 9.55
N LYS A 146 -26.96 12.14 9.12
CA LYS A 146 -27.16 12.35 7.69
C LYS A 146 -25.97 13.00 7.02
N GLU A 147 -25.24 13.81 7.77
CA GLU A 147 -24.06 14.48 7.24
C GLU A 147 -22.86 14.37 8.14
N ILE A 148 -21.70 14.19 7.53
CA ILE A 148 -20.43 14.10 8.23
C ILE A 148 -19.45 14.86 7.36
N ALA A 149 -18.88 15.93 7.88
CA ALA A 149 -17.95 16.74 7.10
C ALA A 149 -18.65 17.16 5.81
N THR A 150 -18.02 16.93 4.67
CA THR A 150 -18.61 17.29 3.39
C THR A 150 -19.44 16.17 2.79
N LEU A 151 -19.58 15.08 3.52
CA LEU A 151 -20.35 13.94 3.00
C LEU A 151 -21.75 13.83 3.53
N GLY A 152 -22.58 13.09 2.77
CA GLY A 152 -23.97 12.88 3.16
C GLY A 152 -24.40 11.47 2.80
N ILE A 153 -25.40 10.96 3.51
CA ILE A 153 -25.89 9.61 3.24
C ILE A 153 -26.57 9.53 1.90
N TRP A 154 -26.09 8.61 1.07
CA TRP A 154 -26.64 8.39 -0.26
C TRP A 154 -27.62 7.24 -0.21
N LYS A 155 -27.21 6.14 0.41
CA LYS A 155 -28.05 4.96 0.55
C LYS A 155 -27.87 4.34 1.93
N GLU A 156 -28.91 3.71 2.41
CA GLU A 156 -28.88 3.02 3.69
C GLU A 156 -29.87 1.88 3.58
N LYS A 157 -29.40 0.67 3.86
CA LYS A 157 -30.26 -0.50 3.78
C LYS A 157 -30.05 -1.40 4.97
N ILE A 158 -31.15 -1.92 5.50
CA ILE A 158 -31.10 -2.81 6.65
C ILE A 158 -31.54 -4.19 6.22
N TYR A 159 -30.70 -5.19 6.48
CA TYR A 159 -31.04 -6.56 6.17
C TYR A 159 -30.37 -7.53 7.12
N GLY A 160 -31.13 -8.52 7.56
CA GLY A 160 -30.59 -9.48 8.50
C GLY A 160 -30.36 -8.72 9.79
N ILE A 161 -29.17 -8.82 10.34
CA ILE A 161 -28.86 -8.12 11.58
C ILE A 161 -27.82 -7.05 11.33
N SER A 162 -27.86 -6.44 10.16
CA SER A 162 -26.89 -5.40 9.82
C SER A 162 -27.49 -4.28 9.00
N LYS A 163 -26.75 -3.18 8.94
CA LYS A 163 -27.18 -2.04 8.17
C LYS A 163 -25.97 -1.50 7.44
N VAL A 164 -26.17 -1.18 6.16
CA VAL A 164 -25.11 -0.62 5.35
C VAL A 164 -25.51 0.81 5.01
N THR A 165 -24.61 1.74 5.31
CA THR A 165 -24.84 3.15 5.04
C THR A 165 -23.71 3.61 4.13
N VAL A 166 -24.05 4.27 3.03
CA VAL A 166 -23.03 4.75 2.12
C VAL A 166 -23.05 6.26 2.07
N TYR A 167 -21.90 6.88 2.34
CA TYR A 167 -21.77 8.33 2.31
C TYR A 167 -21.06 8.72 1.03
N VAL A 168 -21.44 9.86 0.47
CA VAL A 168 -20.84 10.37 -0.75
C VAL A 168 -20.75 11.88 -0.66
N ASN A 169 -19.92 12.47 -1.51
CA ASN A 169 -19.75 13.93 -1.56
C ASN A 169 -20.95 14.57 -2.25
N GLU A 170 -21.13 15.86 -2.03
CA GLU A 170 -22.24 16.59 -2.62
C GLU A 170 -22.31 16.50 -4.14
N GLY A 171 -21.16 16.39 -4.80
CA GLY A 171 -21.17 16.32 -6.25
C GLY A 171 -21.16 14.91 -6.83
N HIS A 172 -21.53 13.92 -6.03
CA HIS A 172 -21.54 12.54 -6.49
C HIS A 172 -22.50 12.35 -7.65
N HIS A 173 -22.02 11.74 -8.73
CA HIS A 173 -22.82 11.48 -9.92
C HIS A 173 -23.78 10.30 -9.74
N HIS A 174 -24.95 10.39 -10.36
CA HIS A 174 -25.95 9.33 -10.30
C HIS A 174 -25.30 8.04 -10.81
N HIS A 175 -25.78 6.90 -10.35
CA HIS A 175 -25.23 5.62 -10.79
C HIS A 175 -26.09 4.93 -11.84
N HIS A 176 -25.46 4.08 -12.63
CA HIS A 176 -26.14 3.32 -13.67
C HIS A 176 -26.97 2.24 -12.98
N HIS A 177 -27.81 1.55 -13.75
CA HIS A 177 -28.64 0.49 -13.21
C HIS A 177 -28.14 -0.87 -13.68
N VAL B 18 21.47 7.60 -13.48
CA VAL B 18 22.01 6.22 -13.34
C VAL B 18 20.89 5.18 -13.30
N ARG B 19 19.67 5.61 -13.62
CA ARG B 19 18.52 4.72 -13.64
C ARG B 19 18.81 3.51 -14.52
N GLY B 20 19.24 3.76 -15.76
CA GLY B 20 19.55 2.68 -16.67
C GLY B 20 20.68 1.80 -16.17
N ALA B 21 21.63 2.41 -15.48
CA ALA B 21 22.78 1.67 -14.94
C ALA B 21 22.30 0.62 -13.95
N ILE B 22 21.50 1.06 -12.98
CA ILE B 22 20.98 0.15 -11.96
C ILE B 22 20.18 -0.99 -12.59
N PHE B 23 19.26 -0.66 -13.50
CA PHE B 23 18.45 -1.70 -14.12
C PHE B 23 19.19 -2.64 -15.04
N ASN B 24 20.34 -2.20 -15.55
CA ASN B 24 21.14 -3.06 -16.40
C ASN B 24 21.83 -4.08 -15.50
N ILE B 26 20.32 -5.24 -12.35
CA ILE B 26 19.32 -6.15 -11.81
C ILE B 26 18.23 -6.62 -12.77
N GLY B 27 18.11 -5.96 -13.91
CA GLY B 27 17.10 -6.33 -14.89
C GLY B 27 17.70 -6.95 -16.14
N PRO B 28 17.48 -6.34 -17.32
CA PRO B 28 16.72 -5.11 -17.55
C PRO B 28 15.20 -5.22 -17.41
N TYR B 29 14.67 -6.44 -17.44
CA TYR B 29 13.24 -6.64 -17.33
C TYR B 29 12.89 -7.59 -16.20
N PHE B 30 11.68 -7.48 -15.66
CA PHE B 30 11.24 -8.33 -14.55
C PHE B 30 10.01 -9.18 -14.85
N ASN B 31 9.79 -10.19 -14.02
CA ASN B 31 8.68 -11.12 -14.16
C ASN B 31 7.54 -10.93 -13.16
N GLY B 32 7.29 -9.69 -12.76
CA GLY B 32 6.23 -9.42 -11.81
C GLY B 32 6.67 -9.52 -10.36
N GLY B 33 5.84 -9.05 -9.45
CA GLY B 33 6.16 -9.10 -8.04
C GLY B 33 5.90 -7.77 -7.33
N ARG B 34 6.23 -7.70 -6.05
CA ARG B 34 6.03 -6.48 -5.28
C ARG B 34 7.35 -5.79 -4.95
N VAL B 35 7.35 -4.48 -5.10
CA VAL B 35 8.53 -3.67 -4.84
C VAL B 35 8.32 -2.78 -3.63
N LEU B 36 9.37 -2.58 -2.86
CA LEU B 36 9.34 -1.70 -1.71
C LEU B 36 10.47 -0.69 -1.90
N ASP B 37 10.12 0.58 -1.96
CA ASP B 37 11.11 1.64 -2.11
C ASP B 37 11.02 2.40 -0.79
N LEU B 38 11.92 2.07 0.13
CA LEU B 38 11.93 2.67 1.48
C LEU B 38 12.25 4.14 1.62
N PHE B 39 12.99 4.69 0.65
CA PHE B 39 13.35 6.11 0.61
C PHE B 39 13.12 6.46 -0.86
N ALA B 40 11.86 6.48 -1.24
CA ALA B 40 11.42 6.71 -2.62
C ALA B 40 11.85 7.98 -3.33
N GLY B 41 12.08 9.06 -2.58
CA GLY B 41 12.49 10.31 -3.21
C GLY B 41 11.50 10.77 -4.26
N SER B 42 11.96 10.83 -5.51
CA SER B 42 11.12 11.26 -6.62
C SER B 42 10.21 10.14 -7.16
N GLY B 43 10.47 8.92 -6.71
CA GLY B 43 9.69 7.77 -7.15
C GLY B 43 10.32 7.05 -8.33
N GLY B 44 11.43 7.61 -8.82
CA GLY B 44 12.12 7.03 -9.96
C GLY B 44 12.35 5.53 -9.98
N LEU B 45 13.00 5.00 -8.95
CA LEU B 45 13.30 3.58 -8.89
C LEU B 45 12.07 2.69 -8.99
N ALA B 46 11.09 2.94 -8.13
CA ALA B 46 9.87 2.15 -8.10
C ALA B 46 9.09 2.20 -9.40
N ILE B 47 8.93 3.41 -9.93
CA ILE B 47 8.18 3.59 -11.16
C ILE B 47 8.82 2.85 -12.34
N GLU B 48 10.13 2.97 -12.49
CA GLU B 48 10.82 2.30 -13.58
C GLU B 48 10.79 0.78 -13.39
N ALA B 49 10.87 0.33 -12.15
CA ALA B 49 10.84 -1.11 -11.88
C ALA B 49 9.52 -1.72 -12.33
N VAL B 50 8.41 -1.06 -11.99
CA VAL B 50 7.10 -1.54 -12.38
C VAL B 50 7.00 -1.47 -13.91
N SER B 51 7.51 -0.39 -14.47
CA SER B 51 7.50 -0.19 -15.91
C SER B 51 8.19 -1.37 -16.61
N ARG B 52 9.31 -1.79 -16.04
CA ARG B 52 10.10 -2.87 -16.60
C ARG B 52 9.62 -4.28 -16.27
N GLY B 53 8.47 -4.40 -15.59
CA GLY B 53 7.97 -5.73 -15.30
C GLY B 53 7.42 -6.05 -13.92
N SER B 55 4.97 -5.89 -10.69
CA SER B 55 3.53 -5.72 -10.59
C SER B 55 3.01 -4.50 -9.84
N ALA B 56 3.56 -4.26 -8.66
CA ALA B 56 3.13 -3.13 -7.86
C ALA B 56 4.30 -2.64 -7.03
N ALA B 57 4.13 -1.50 -6.38
CA ALA B 57 5.18 -0.94 -5.56
C ALA B 57 4.66 -0.09 -4.42
N VAL B 58 5.30 -0.24 -3.26
CA VAL B 58 4.97 0.54 -2.08
C VAL B 58 6.14 1.50 -1.93
N LEU B 59 5.83 2.78 -1.95
CA LEU B 59 6.83 3.83 -1.84
C LEU B 59 6.73 4.49 -0.48
N VAL B 60 7.88 4.66 0.18
CA VAL B 60 7.91 5.30 1.48
C VAL B 60 8.77 6.55 1.37
N GLU B 61 8.17 7.70 1.69
CA GLU B 61 8.86 8.97 1.61
C GLU B 61 8.10 9.99 2.45
N LYS B 62 8.76 10.54 3.47
CA LYS B 62 8.11 11.51 4.34
C LYS B 62 8.36 12.96 3.92
N ASN B 63 9.33 13.17 3.04
CA ASN B 63 9.67 14.52 2.58
C ASN B 63 8.47 15.16 1.88
N ARG B 64 7.94 16.24 2.48
CA ARG B 64 6.80 16.95 1.92
C ARG B 64 6.93 17.30 0.45
N LYS B 65 8.07 17.88 0.08
CA LYS B 65 8.33 18.29 -1.29
C LYS B 65 8.39 17.12 -2.26
N ALA B 66 8.94 15.99 -1.81
CA ALA B 66 9.05 14.81 -2.64
C ALA B 66 7.67 14.22 -2.93
N GLN B 67 6.76 14.35 -1.98
CA GLN B 67 5.41 13.82 -2.13
C GLN B 67 4.73 14.30 -3.41
N ALA B 68 4.63 15.62 -3.57
CA ALA B 68 3.99 16.21 -4.74
C ALA B 68 4.56 15.64 -6.03
N ILE B 69 5.88 15.59 -6.13
CA ILE B 69 6.55 15.07 -7.31
C ILE B 69 6.19 13.61 -7.56
N ILE B 70 6.22 12.80 -6.50
CA ILE B 70 5.89 11.39 -6.63
C ILE B 70 4.47 11.22 -7.13
N GLN B 71 3.56 12.00 -6.57
CA GLN B 71 2.16 11.96 -6.96
C GLN B 71 2.00 12.17 -8.46
N ASP B 72 2.67 13.20 -8.98
CA ASP B 72 2.58 13.50 -10.39
C ASP B 72 3.24 12.44 -11.27
N ASN B 73 4.36 11.89 -10.80
CA ASN B 73 5.05 10.85 -11.56
C ASN B 73 4.22 9.59 -11.68
N ILE B 74 3.53 9.24 -10.60
CA ILE B 74 2.70 8.04 -10.59
C ILE B 74 1.51 8.19 -11.54
N ILE B 75 0.94 9.38 -11.60
CA ILE B 75 -0.19 9.65 -12.47
C ILE B 75 0.23 9.62 -13.94
N THR B 77 2.26 7.60 -15.20
CA THR B 77 2.54 6.22 -15.60
C THR B 77 1.35 5.56 -16.28
N LYS B 78 0.18 6.15 -16.12
CA LYS B 78 -1.05 5.62 -16.71
C LYS B 78 -1.49 4.33 -16.02
N ALA B 79 -0.76 3.95 -14.98
CA ALA B 79 -1.04 2.75 -14.19
C ALA B 79 -0.77 3.12 -12.74
N GLU B 80 -1.21 4.31 -12.37
CA GLU B 80 -1.01 4.85 -11.03
C GLU B 80 -1.49 3.97 -9.89
N ASN B 81 -2.51 3.17 -10.12
CA ASN B 81 -3.03 2.31 -9.07
C ASN B 81 -2.08 1.20 -8.67
N ARG B 82 -0.97 1.07 -9.40
CA ARG B 82 0.03 0.04 -9.11
C ARG B 82 1.03 0.59 -8.09
N PHE B 83 0.81 1.82 -7.66
CA PHE B 83 1.71 2.47 -6.72
C PHE B 83 1.00 2.93 -5.46
N THR B 84 1.60 2.62 -4.31
CA THR B 84 1.05 3.01 -3.02
C THR B 84 2.08 3.84 -2.27
N LEU B 85 1.78 5.12 -2.09
CA LEU B 85 2.69 6.02 -1.39
C LEU B 85 2.35 6.16 0.09
N LEU B 86 3.35 5.93 0.93
CA LEU B 86 3.18 6.06 2.37
C LEU B 86 4.11 7.15 2.89
N LYS B 87 3.53 8.11 3.60
CA LYS B 87 4.27 9.23 4.15
C LYS B 87 4.66 8.93 5.59
N GLU B 89 8.28 7.42 8.30
CA GLU B 89 9.69 7.10 8.46
C GLU B 89 9.90 5.65 8.02
N ALA B 90 11.07 5.36 7.47
CA ALA B 90 11.37 4.00 7.02
C ALA B 90 11.22 2.98 8.14
N GLU B 91 11.76 3.30 9.32
CA GLU B 91 11.69 2.39 10.47
C GLU B 91 10.23 2.07 10.81
N ARG B 92 9.40 3.10 10.78
CA ARG B 92 7.98 2.97 11.07
C ARG B 92 7.33 2.05 10.02
N ALA B 93 7.63 2.31 8.76
CA ALA B 93 7.07 1.51 7.66
C ALA B 93 7.40 0.04 7.84
N ILE B 94 8.63 -0.25 8.22
CA ILE B 94 9.03 -1.64 8.40
C ILE B 94 8.23 -2.34 9.50
N ASP B 95 7.82 -1.59 10.51
CA ASP B 95 7.05 -2.15 11.60
C ASP B 95 5.55 -2.26 11.31
N CYS B 96 5.10 -1.65 10.21
CA CYS B 96 3.68 -1.68 9.89
C CYS B 96 3.31 -2.49 8.65
N LEU B 97 4.24 -2.61 7.70
CA LEU B 97 3.97 -3.36 6.48
C LEU B 97 3.91 -4.85 6.75
N THR B 98 3.15 -5.58 5.94
CA THR B 98 3.03 -7.02 6.08
C THR B 98 3.24 -7.62 4.71
N GLY B 99 3.01 -8.93 4.58
CA GLY B 99 3.21 -9.56 3.29
C GLY B 99 4.69 -9.55 2.95
N ARG B 100 5.04 -9.98 1.74
CA ARG B 100 6.44 -10.04 1.35
C ARG B 100 6.78 -9.26 0.09
N PHE B 101 8.02 -8.79 0.04
CA PHE B 101 8.50 -8.01 -1.10
C PHE B 101 9.57 -8.77 -1.87
N ASP B 102 9.49 -8.69 -3.19
CA ASP B 102 10.42 -9.38 -4.08
C ASP B 102 11.63 -8.53 -4.47
N LEU B 103 11.44 -7.21 -4.47
CA LEU B 103 12.49 -6.27 -4.82
C LEU B 103 12.43 -5.10 -3.86
N VAL B 104 13.52 -4.85 -3.16
CA VAL B 104 13.55 -3.75 -2.20
C VAL B 104 14.64 -2.77 -2.59
N PHE B 105 14.30 -1.49 -2.62
CA PHE B 105 15.25 -0.44 -2.94
C PHE B 105 15.57 0.33 -1.68
N LEU B 106 16.86 0.41 -1.35
CA LEU B 106 17.33 1.13 -0.17
C LEU B 106 18.33 2.19 -0.63
N ASP B 107 17.86 3.42 -0.77
CA ASP B 107 18.71 4.54 -1.16
C ASP B 107 18.50 5.65 -0.14
N PRO B 108 18.92 5.41 1.10
CA PRO B 108 18.76 6.38 2.19
C PRO B 108 19.75 7.53 2.06
N PRO B 109 19.38 8.70 2.60
CA PRO B 109 20.33 9.81 2.50
C PRO B 109 21.50 9.40 3.40
N TYR B 110 22.69 9.93 3.11
CA TYR B 110 23.89 9.59 3.87
C TYR B 110 23.72 9.53 5.38
N ALA B 111 23.22 10.61 5.96
CA ALA B 111 23.06 10.71 7.41
C ALA B 111 22.10 9.71 8.05
N LYS B 112 21.19 9.14 7.27
CA LYS B 112 20.24 8.18 7.81
C LYS B 112 20.51 6.74 7.39
N GLU B 113 21.56 6.53 6.61
CA GLU B 113 21.90 5.19 6.11
C GLU B 113 22.30 4.18 7.19
N THR B 114 21.56 3.08 7.24
CA THR B 114 21.84 1.99 8.19
C THR B 114 21.45 0.71 7.46
N ILE B 115 22.08 0.49 6.32
CA ILE B 115 21.78 -0.66 5.48
C ILE B 115 21.71 -1.98 6.23
N VAL B 116 22.73 -2.29 7.02
CA VAL B 116 22.73 -3.56 7.73
C VAL B 116 21.55 -3.69 8.69
N ALA B 117 21.32 -2.66 9.50
CA ALA B 117 20.22 -2.71 10.46
C ALA B 117 18.88 -2.83 9.74
N THR B 118 18.74 -2.08 8.66
CA THR B 118 17.49 -2.10 7.90
C THR B 118 17.18 -3.45 7.28
N ILE B 119 18.18 -4.08 6.67
CA ILE B 119 17.95 -5.39 6.06
C ILE B 119 17.66 -6.42 7.15
N GLU B 120 18.36 -6.32 8.27
CA GLU B 120 18.12 -7.27 9.37
C GLU B 120 16.69 -7.11 9.87
N ALA B 121 16.21 -5.86 9.90
CA ALA B 121 14.85 -5.57 10.33
C ALA B 121 13.84 -6.15 9.33
N LEU B 122 14.11 -5.95 8.04
CA LEU B 122 13.21 -6.46 7.01
C LEU B 122 13.11 -7.98 7.12
N ALA B 123 14.25 -8.64 7.30
CA ALA B 123 14.26 -10.09 7.44
C ALA B 123 13.55 -10.54 8.71
N ALA B 124 13.78 -9.83 9.80
CA ALA B 124 13.17 -10.17 11.08
C ALA B 124 11.65 -9.97 11.06
N LYS B 125 11.18 -9.02 10.26
CA LYS B 125 9.75 -8.75 10.17
C LYS B 125 9.09 -9.57 9.05
N ASN B 126 9.84 -10.52 8.51
CA ASN B 126 9.38 -11.39 7.44
C ASN B 126 8.75 -10.64 6.26
N LEU B 127 9.40 -9.55 5.87
CA LEU B 127 8.92 -8.73 4.78
C LEU B 127 9.58 -9.06 3.44
N LEU B 128 10.52 -10.00 3.45
CA LEU B 128 11.22 -10.38 2.23
C LEU B 128 10.75 -11.72 1.68
N SER B 129 10.53 -11.77 0.37
CA SER B 129 10.09 -13.00 -0.28
C SER B 129 11.25 -13.99 -0.32
N GLU B 130 10.95 -15.25 -0.58
CA GLU B 130 11.98 -16.28 -0.65
C GLU B 130 13.02 -15.86 -1.68
N GLN B 131 12.55 -15.44 -2.85
CA GLN B 131 13.41 -14.97 -3.92
C GLN B 131 13.38 -13.46 -3.83
N VAL B 132 14.31 -12.89 -3.08
CA VAL B 132 14.34 -11.45 -2.93
C VAL B 132 15.65 -10.83 -3.37
N VAL B 134 17.73 -7.09 -2.78
CA VAL B 134 17.77 -5.82 -2.06
C VAL B 134 18.86 -4.97 -2.68
N VAL B 135 18.44 -3.90 -3.35
CA VAL B 135 19.34 -2.99 -4.04
C VAL B 135 19.66 -1.78 -3.18
N CYS B 136 20.92 -1.67 -2.78
CA CYS B 136 21.38 -0.59 -1.94
C CYS B 136 22.23 0.43 -2.67
N GLU B 137 21.94 1.70 -2.44
CA GLU B 137 22.70 2.77 -3.07
C GLU B 137 23.27 3.60 -1.94
N THR B 138 24.59 3.73 -1.91
CA THR B 138 25.26 4.48 -0.87
C THR B 138 26.38 5.32 -1.48
N ASP B 139 27.05 6.07 -0.61
CA ASP B 139 28.20 6.86 -1.04
C ASP B 139 29.23 5.82 -1.45
N LYS B 140 30.10 6.20 -2.38
CA LYS B 140 31.15 5.32 -2.88
C LYS B 140 32.04 4.77 -1.76
N THR B 141 32.23 5.56 -0.71
CA THR B 141 33.07 5.19 0.42
C THR B 141 32.47 4.28 1.49
N VAL B 142 31.18 3.97 1.39
CA VAL B 142 30.53 3.11 2.38
C VAL B 142 30.86 1.64 2.16
N LEU B 143 31.43 1.01 3.17
CA LEU B 143 31.79 -0.39 3.08
C LEU B 143 30.68 -1.23 3.70
N LEU B 144 30.26 -2.27 2.98
CA LEU B 144 29.18 -3.12 3.47
C LEU B 144 29.66 -4.56 3.56
N PRO B 145 29.14 -5.33 4.53
CA PRO B 145 29.51 -6.73 4.70
C PRO B 145 29.00 -7.61 3.56
N LYS B 146 29.74 -8.68 3.29
CA LYS B 146 29.39 -9.61 2.23
C LYS B 146 28.08 -10.33 2.50
N GLU B 147 27.75 -10.50 3.77
CA GLU B 147 26.51 -11.17 4.13
C GLU B 147 25.76 -10.39 5.20
N ILE B 148 24.44 -10.35 5.07
CA ILE B 148 23.56 -9.67 6.01
C ILE B 148 22.33 -10.56 6.13
N ALA B 149 22.02 -10.97 7.35
CA ALA B 149 20.88 -11.86 7.57
C ALA B 149 21.16 -13.11 6.74
N THR B 150 20.22 -13.51 5.89
CA THR B 150 20.46 -14.69 5.06
C THR B 150 20.86 -14.28 3.65
N LEU B 151 21.07 -12.98 3.46
CA LEU B 151 21.43 -12.46 2.15
C LEU B 151 22.92 -12.30 1.89
N GLY B 152 23.29 -12.31 0.62
CA GLY B 152 24.68 -12.17 0.22
C GLY B 152 24.81 -11.25 -0.98
N ILE B 153 25.95 -10.57 -1.08
CA ILE B 153 26.19 -9.66 -2.19
C ILE B 153 26.29 -10.44 -3.49
N TRP B 154 25.45 -10.06 -4.45
CA TRP B 154 25.45 -10.69 -5.76
C TRP B 154 26.26 -9.84 -6.72
N LYS B 155 26.00 -8.53 -6.69
CA LYS B 155 26.70 -7.59 -7.55
C LYS B 155 27.01 -6.32 -6.79
N GLU B 156 28.07 -5.63 -7.20
CA GLU B 156 28.48 -4.39 -6.57
C GLU B 156 29.15 -3.57 -7.65
N LYS B 157 28.61 -2.38 -7.90
CA LYS B 157 29.17 -1.52 -8.94
C LYS B 157 29.36 -0.08 -8.43
N ILE B 158 30.52 0.47 -8.69
CA ILE B 158 30.85 1.81 -8.26
C ILE B 158 31.01 2.76 -9.43
N TYR B 159 30.03 3.62 -9.66
CA TYR B 159 30.13 4.60 -10.74
C TYR B 159 29.80 5.99 -10.24
N GLY B 160 30.76 6.90 -10.43
CA GLY B 160 30.60 8.26 -9.97
C GLY B 160 30.89 8.33 -8.49
N ILE B 161 30.04 9.05 -7.77
CA ILE B 161 30.22 9.20 -6.32
C ILE B 161 29.36 8.22 -5.54
N SER B 162 28.70 7.30 -6.23
CA SER B 162 27.85 6.34 -5.55
C SER B 162 28.26 4.91 -5.82
N LYS B 163 27.74 4.01 -4.99
CA LYS B 163 28.01 2.60 -5.16
C LYS B 163 26.68 1.87 -5.01
N VAL B 164 26.46 0.90 -5.88
CA VAL B 164 25.24 0.12 -5.82
C VAL B 164 25.61 -1.30 -5.45
N THR B 165 25.04 -1.77 -4.36
CA THR B 165 25.31 -3.11 -3.88
C THR B 165 24.00 -3.87 -3.88
N VAL B 166 23.99 -5.05 -4.52
CA VAL B 166 22.78 -5.85 -4.59
C VAL B 166 22.89 -7.17 -3.80
N TYR B 167 22.01 -7.33 -2.81
CA TYR B 167 21.95 -8.52 -1.97
C TYR B 167 20.82 -9.43 -2.43
N VAL B 168 21.07 -10.74 -2.42
CA VAL B 168 20.05 -11.69 -2.82
C VAL B 168 20.07 -12.87 -1.87
N ASN B 169 18.96 -13.58 -1.79
CA ASN B 169 18.86 -14.74 -0.90
C ASN B 169 19.75 -15.87 -1.41
N GLU B 170 20.18 -16.73 -0.50
CA GLU B 170 21.00 -17.87 -0.87
C GLU B 170 20.10 -18.77 -1.72
N GLY B 171 20.53 -19.03 -2.95
CA GLY B 171 19.70 -19.86 -3.82
C GLY B 171 18.82 -19.04 -4.73
N HIS B 172 19.09 -17.75 -4.82
CA HIS B 172 18.32 -16.87 -5.69
C HIS B 172 18.46 -17.40 -7.12
N HIS B 173 17.35 -17.52 -7.84
CA HIS B 173 17.38 -18.02 -9.21
C HIS B 173 18.06 -17.04 -10.16
N HIS B 174 18.80 -17.56 -11.14
CA HIS B 174 19.48 -16.68 -12.09
C HIS B 174 18.43 -15.86 -12.84
N HIS B 175 18.84 -14.75 -13.41
CA HIS B 175 17.94 -13.90 -14.16
C HIS B 175 17.91 -14.34 -15.62
N HIS B 176 16.71 -14.49 -16.17
CA HIS B 176 16.53 -14.90 -17.56
C HIS B 176 16.73 -13.68 -18.45
N HIS B 177 17.45 -13.84 -19.55
CA HIS B 177 17.68 -12.72 -20.45
C HIS B 177 16.58 -12.61 -21.50
#